data_4JOD
#
_entry.id   4JOD
#
_cell.length_a   53.045
_cell.length_b   90.708
_cell.length_c   95.660
_cell.angle_alpha   90.00
_cell.angle_beta   90.00
_cell.angle_gamma   90.00
#
_symmetry.space_group_name_H-M   'P 21 21 21'
#
loop_
_entity.id
_entity.type
_entity.pdbx_description
1 polymer 'Lysophosphatidic acid phosphatase type 6'
2 non-polymer 2-AMINO-2-HYDROXYMETHYL-PROPANE-1,3-DIOL
3 water water
#
_entity_poly.entity_id   1
_entity_poly.type   'polypeptide(L)'
_entity_poly.pdbx_seq_one_letter_code
;ELQEADGQCPVDRSLLKLKMVQVVFRHGARSPLKPLPLEEQVEWNPQLLEVPPQTQFDYTVTNLAGGPKPYSPYDSQYHE
TTLKGGMFAGQLTKVGMQQMFALGERLRKNYVEDIPFLSPTFNPQEVFIRSTNIFRNLESTRCLLAGLFQCQKEGPIIIH
TDEADSEVLYPNYQSCWSLRQRTRGRRQTASLQPGISEDLKKVKDRMGIDSSDKVDFFILLDNVAAEQAHNLPSCPMLKR
FARMIEQRAVDTSLYILPKEDRESLQMAVGPFLHILESNLLKAMDSATAPDKIRKLYLYAAHDVTFIPLLMTLGIFDHKW
PPFAVDLTMELYQHLESKEWFVQLYYHGKEQVPRGCPDGLCPLDMFLNAMSVYTLSPEKYHALCSQTQVMEVGNEE
;
_entity_poly.pdbx_strand_id   A
#
loop_
_chem_comp.id
_chem_comp.type
_chem_comp.name
_chem_comp.formula
TRS non-polymer 2-AMINO-2-HYDROXYMETHYL-PROPANE-1,3-DIOL 'C4 H12 N O3 1'
#
# COMPACT_ATOMS: atom_id res chain seq x y z
N PRO A 10 27.90 -0.35 -19.43
CA PRO A 10 27.00 0.80 -19.30
C PRO A 10 25.93 0.83 -20.39
N VAL A 11 24.68 1.03 -19.99
CA VAL A 11 23.56 1.04 -20.94
C VAL A 11 23.13 2.46 -21.29
N ASP A 12 22.83 2.68 -22.57
CA ASP A 12 22.35 3.98 -23.05
C ASP A 12 20.83 4.02 -23.01
N ARG A 13 20.27 4.85 -22.13
CA ARG A 13 18.85 4.82 -21.85
C ARG A 13 17.96 5.24 -23.03
N SER A 14 18.55 5.87 -24.04
CA SER A 14 17.76 6.32 -25.19
C SER A 14 17.26 5.15 -26.06
N LEU A 15 17.91 3.99 -25.95
CA LEU A 15 17.43 2.80 -26.66
C LEU A 15 16.45 1.97 -25.82
N LEU A 16 16.22 2.39 -24.58
CA LEU A 16 15.24 1.71 -23.72
C LEU A 16 13.84 2.14 -24.09
N LYS A 17 12.95 1.17 -24.24
CA LYS A 17 11.56 1.47 -24.54
C LYS A 17 10.65 0.95 -23.43
N LEU A 18 9.88 1.86 -22.82
CA LEU A 18 8.97 1.52 -21.74
C LEU A 18 7.83 0.62 -22.21
N LYS A 19 7.64 -0.47 -21.50
CA LYS A 19 6.71 -1.55 -21.87
C LYS A 19 5.53 -1.61 -20.94
N MET A 20 5.83 -1.65 -19.64
CA MET A 20 4.81 -1.85 -18.62
C MET A 20 5.13 -1.05 -17.35
N VAL A 21 4.08 -0.63 -16.65
CA VAL A 21 4.22 0.07 -15.37
C VAL A 21 3.27 -0.55 -14.35
N GLN A 22 3.79 -0.86 -13.17
CA GLN A 22 2.93 -1.29 -12.07
C GLN A 22 3.12 -0.33 -10.93
N VAL A 23 2.01 0.20 -10.41
CA VAL A 23 2.05 1.09 -9.27
C VAL A 23 1.28 0.48 -8.11
N VAL A 24 1.97 0.32 -6.99
CA VAL A 24 1.30 -0.05 -5.75
C VAL A 24 1.31 1.19 -4.86
N PHE A 25 0.15 1.57 -4.33
CA PHE A 25 0.12 2.77 -3.48
C PHE A 25 -0.70 2.57 -2.21
N ARG A 26 -0.42 3.41 -1.22
CA ARG A 26 -1.22 3.48 0.00
C ARG A 26 -2.16 4.68 -0.15
N HIS A 27 -3.36 4.57 0.43
CA HIS A 27 -4.34 5.64 0.40
C HIS A 27 -3.77 6.89 1.06
N GLY A 28 -4.37 8.05 0.78
CA GLY A 28 -3.95 9.30 1.38
C GLY A 28 -4.42 9.53 2.83
N ALA A 29 -4.11 10.71 3.35
CA ALA A 29 -4.40 11.10 4.74
C ALA A 29 -5.86 10.86 5.11
N ARG A 30 -6.07 10.32 6.30
CA ARG A 30 -7.39 9.92 6.77
C ARG A 30 -7.55 10.17 8.26
N SER A 31 -8.78 10.07 8.75
CA SER A 31 -9.02 10.03 10.18
C SER A 31 -8.49 8.71 10.75
N PRO A 32 -8.10 8.73 12.04
CA PRO A 32 -7.53 7.55 12.69
C PRO A 32 -8.52 6.40 12.79
N LEU A 33 -8.01 5.18 12.89
CA LEU A 33 -8.87 4.00 13.09
C LEU A 33 -9.46 4.00 14.51
N LYS A 34 -8.63 4.37 15.49
CA LYS A 34 -9.09 4.55 16.86
C LYS A 34 -8.44 5.79 17.45
N PRO A 35 -9.20 6.58 18.21
CA PRO A 35 -8.66 7.76 18.89
C PRO A 35 -7.84 7.33 20.10
N LEU A 36 -7.05 8.25 20.65
CA LEU A 36 -6.32 7.97 21.88
C LEU A 36 -7.24 8.08 23.09
N PRO A 37 -7.00 7.25 24.12
CA PRO A 37 -7.76 7.27 25.37
C PRO A 37 -7.35 8.41 26.32
N LEU A 38 -7.68 9.64 25.95
CA LEU A 38 -7.38 10.81 26.75
C LEU A 38 -8.65 11.63 26.87
N GLU A 39 -8.80 12.35 27.97
CA GLU A 39 -9.97 13.20 28.13
C GLU A 39 -9.97 14.28 27.05
N GLU A 40 -8.78 14.75 26.68
CA GLU A 40 -8.67 15.79 25.67
C GLU A 40 -8.28 15.20 24.32
N GLN A 41 -9.24 15.19 23.39
CA GLN A 41 -9.01 14.66 22.04
C GLN A 41 -9.21 15.76 21.03
N VAL A 42 -8.47 15.69 19.92
CA VAL A 42 -8.68 16.63 18.83
C VAL A 42 -9.98 16.30 18.12
N GLU A 43 -10.57 17.30 17.48
CA GLU A 43 -11.84 17.15 16.80
C GLU A 43 -11.65 16.73 15.35
N TRP A 44 -12.41 15.72 14.93
CA TRP A 44 -12.41 15.37 13.52
C TRP A 44 -13.75 15.79 12.94
N ASN A 45 -13.70 16.89 12.21
CA ASN A 45 -14.87 17.62 11.75
C ASN A 45 -15.25 17.13 10.36
N PRO A 46 -16.55 16.84 10.14
CA PRO A 46 -17.06 16.37 8.86
C PRO A 46 -16.77 17.32 7.69
N GLN A 47 -16.36 18.54 7.99
CA GLN A 47 -15.95 19.50 6.97
C GLN A 47 -14.69 18.99 6.23
N LEU A 48 -13.95 18.11 6.89
CA LEU A 48 -12.77 17.49 6.29
C LEU A 48 -13.13 16.55 5.14
N LEU A 49 -14.42 16.20 5.02
CA LEU A 49 -14.86 15.27 3.98
C LEU A 49 -15.34 15.94 2.70
N GLU A 50 -15.21 17.27 2.60
CA GLU A 50 -15.65 17.98 1.40
C GLU A 50 -14.77 17.60 0.19
N VAL A 51 -15.40 17.12 -0.88
CA VAL A 51 -14.66 16.60 -2.02
C VAL A 51 -14.14 17.73 -2.92
N PRO A 52 -12.81 17.80 -3.09
CA PRO A 52 -12.25 18.77 -4.05
C PRO A 52 -12.84 18.52 -5.43
N PRO A 53 -13.38 19.57 -6.05
CA PRO A 53 -14.03 19.47 -7.37
C PRO A 53 -13.16 18.79 -8.43
N GLN A 54 -11.85 19.01 -8.38
CA GLN A 54 -10.95 18.48 -9.40
C GLN A 54 -10.76 16.96 -9.30
N THR A 55 -11.18 16.38 -8.17
CA THR A 55 -11.09 14.93 -8.02
C THR A 55 -12.37 14.20 -8.37
N GLN A 56 -13.38 14.92 -8.84
CA GLN A 56 -14.64 14.28 -9.16
C GLN A 56 -14.42 13.43 -10.40
N PHE A 57 -14.60 12.13 -10.24
CA PHE A 57 -14.48 11.18 -11.34
C PHE A 57 -15.45 10.05 -10.99
N ASP A 58 -16.27 9.63 -11.94
CA ASP A 58 -17.25 8.57 -11.67
C ASP A 58 -16.64 7.19 -11.95
N TYR A 59 -16.87 6.25 -11.03
CA TYR A 59 -16.40 4.89 -11.21
C TYR A 59 -17.41 3.92 -10.63
N THR A 60 -17.27 2.66 -11.00
CA THR A 60 -18.01 1.58 -10.35
C THR A 60 -17.04 0.56 -9.79
N VAL A 61 -17.50 -0.20 -8.80
CA VAL A 61 -16.69 -1.25 -8.20
C VAL A 61 -17.34 -2.60 -8.45
N THR A 62 -16.52 -3.59 -8.80
CA THR A 62 -17.00 -4.96 -8.99
C THR A 62 -16.05 -5.93 -8.29
N ASN A 63 -16.46 -7.19 -8.14
CA ASN A 63 -15.54 -8.19 -7.64
C ASN A 63 -14.58 -8.58 -8.76
N LEU A 64 -13.68 -9.51 -8.49
CA LEU A 64 -12.64 -9.84 -9.47
C LEU A 64 -13.22 -10.45 -10.73
N ALA A 65 -14.42 -11.02 -10.61
CA ALA A 65 -15.03 -11.77 -11.72
C ALA A 65 -15.27 -10.93 -12.98
N GLY A 66 -16.05 -9.86 -12.90
CA GLY A 66 -16.94 -9.54 -11.80
C GLY A 66 -18.03 -8.69 -12.42
N GLY A 67 -19.25 -8.70 -11.87
CA GLY A 67 -19.58 -9.32 -10.60
C GLY A 67 -19.81 -8.24 -9.57
N PRO A 68 -20.74 -8.48 -8.63
CA PRO A 68 -21.17 -7.45 -7.66
C PRO A 68 -20.11 -7.14 -6.59
N LYS A 69 -20.04 -5.87 -6.20
CA LYS A 69 -19.10 -5.44 -5.17
C LYS A 69 -19.33 -6.23 -3.89
N PRO A 70 -18.30 -6.96 -3.43
CA PRO A 70 -18.43 -7.77 -2.21
C PRO A 70 -18.79 -6.89 -1.02
N TYR A 71 -19.33 -7.52 0.01
CA TYR A 71 -19.62 -6.83 1.26
C TYR A 71 -18.29 -6.53 1.95
N SER A 72 -18.17 -5.32 2.51
CA SER A 72 -16.96 -4.94 3.21
C SER A 72 -17.13 -4.95 4.74
N PRO A 73 -16.56 -5.96 5.39
CA PRO A 73 -16.60 -6.01 6.86
C PRO A 73 -15.82 -4.85 7.46
N TYR A 74 -14.78 -4.41 6.76
CA TYR A 74 -13.95 -3.31 7.22
C TYR A 74 -14.71 -1.99 7.31
N ASP A 75 -15.46 -1.65 6.26
CA ASP A 75 -16.30 -0.46 6.28
C ASP A 75 -17.30 -0.48 7.45
N SER A 76 -17.92 -1.63 7.70
CA SER A 76 -18.85 -1.75 8.81
C SER A 76 -18.15 -1.45 10.13
N GLN A 77 -16.98 -2.07 10.31
CA GLN A 77 -16.22 -1.90 11.53
C GLN A 77 -15.90 -0.43 11.81
N TYR A 78 -15.50 0.31 10.78
CA TYR A 78 -15.11 1.71 10.94
C TYR A 78 -16.28 2.60 11.32
N HIS A 79 -17.48 2.26 10.84
CA HIS A 79 -18.68 3.05 11.12
C HIS A 79 -19.17 2.85 12.54
N GLU A 80 -18.64 1.84 13.22
CA GLU A 80 -18.95 1.61 14.63
C GLU A 80 -18.25 2.63 15.52
N THR A 81 -17.25 3.32 14.97
CA THR A 81 -16.50 4.30 15.76
C THR A 81 -16.76 5.73 15.26
N THR A 82 -17.37 6.54 16.11
CA THR A 82 -17.54 7.96 15.82
C THR A 82 -16.51 8.76 16.61
N LEU A 83 -15.70 9.53 15.90
CA LEU A 83 -14.69 10.38 16.55
C LEU A 83 -15.32 11.67 17.08
N LYS A 84 -14.67 12.24 18.08
CA LYS A 84 -15.04 13.58 18.54
C LYS A 84 -15.07 14.48 17.31
N GLY A 85 -16.12 15.29 17.20
CA GLY A 85 -16.31 16.16 16.05
C GLY A 85 -17.32 15.62 15.05
N GLY A 86 -17.55 14.32 15.09
CA GLY A 86 -18.56 13.70 14.22
C GLY A 86 -18.09 12.80 13.07
N MET A 87 -16.81 12.86 12.70
CA MET A 87 -16.33 11.95 11.65
C MET A 87 -16.30 10.49 12.13
N PHE A 88 -16.52 9.57 11.20
CA PHE A 88 -16.26 8.15 11.44
C PHE A 88 -14.75 7.88 11.40
N ALA A 89 -14.33 6.80 12.04
CA ALA A 89 -12.94 6.37 11.98
C ALA A 89 -12.55 5.94 10.56
N GLY A 90 -11.27 6.05 10.24
CA GLY A 90 -10.73 5.49 9.02
C GLY A 90 -11.22 6.06 7.69
N GLN A 91 -11.66 7.31 7.68
CA GLN A 91 -12.18 7.89 6.43
C GLN A 91 -11.18 8.82 5.75
N LEU A 92 -11.03 8.67 4.44
CA LEU A 92 -10.17 9.55 3.64
C LEU A 92 -10.68 11.00 3.70
N THR A 93 -9.79 11.96 3.94
CA THR A 93 -10.19 13.37 3.96
C THR A 93 -9.77 14.13 2.70
N LYS A 94 -10.17 15.39 2.62
CA LYS A 94 -9.81 16.23 1.46
C LYS A 94 -8.30 16.42 1.39
N VAL A 95 -7.62 16.32 2.53
CA VAL A 95 -6.17 16.36 2.52
C VAL A 95 -5.63 15.12 1.79
N GLY A 96 -6.17 13.95 2.14
CA GLY A 96 -5.79 12.71 1.49
C GLY A 96 -6.17 12.69 0.03
N MET A 97 -7.35 13.20 -0.29
CA MET A 97 -7.81 13.25 -1.68
C MET A 97 -6.85 14.08 -2.51
N GLN A 98 -6.38 15.19 -1.94
CA GLN A 98 -5.43 16.05 -2.66
C GLN A 98 -4.06 15.39 -2.84
N GLN A 99 -3.61 14.61 -1.86
CA GLN A 99 -2.33 13.90 -1.96
C GLN A 99 -2.41 12.86 -3.08
N MET A 100 -3.52 12.15 -3.14
CA MET A 100 -3.70 11.13 -4.18
C MET A 100 -3.79 11.77 -5.58
N PHE A 101 -4.40 12.94 -5.66
CA PHE A 101 -4.52 13.67 -6.92
C PHE A 101 -3.13 14.07 -7.43
N ALA A 102 -2.28 14.52 -6.51
CA ALA A 102 -0.92 14.96 -6.86
C ALA A 102 -0.05 13.78 -7.29
N LEU A 103 -0.26 12.62 -6.68
CA LEU A 103 0.39 11.40 -7.14
C LEU A 103 -0.09 11.08 -8.57
N GLY A 104 -1.38 11.23 -8.83
CA GLY A 104 -1.90 11.04 -10.16
C GLY A 104 -1.26 11.99 -11.18
N GLU A 105 -1.06 13.24 -10.80
CA GLU A 105 -0.47 14.22 -11.72
C GLU A 105 1.02 13.96 -11.95
N ARG A 106 1.70 13.37 -10.97
CA ARG A 106 3.08 12.95 -11.15
C ARG A 106 3.16 11.82 -12.19
N LEU A 107 2.23 10.87 -12.10
CA LEU A 107 2.22 9.76 -13.06
C LEU A 107 1.97 10.28 -14.47
N ARG A 108 1.10 11.28 -14.59
CA ARG A 108 0.76 11.87 -15.88
C ARG A 108 2.00 12.50 -16.47
N LYS A 109 2.77 13.17 -15.61
CA LYS A 109 4.01 13.78 -16.05
C LYS A 109 4.99 12.74 -16.61
N ASN A 110 5.14 11.63 -15.89
CA ASN A 110 6.07 10.58 -16.31
C ASN A 110 5.59 9.80 -17.52
N TYR A 111 4.35 9.33 -17.46
CA TYR A 111 3.82 8.37 -18.42
C TYR A 111 2.88 8.89 -19.52
N VAL A 112 2.54 10.18 -19.45
CA VAL A 112 1.65 10.80 -20.44
C VAL A 112 2.39 11.90 -21.19
N GLU A 113 2.92 12.84 -20.43
CA GLU A 113 3.67 13.97 -20.98
C GLU A 113 5.10 13.67 -21.43
N ASP A 114 5.94 13.13 -20.55
CA ASP A 114 7.38 13.00 -20.85
C ASP A 114 7.61 12.00 -21.98
N ILE A 115 6.82 10.94 -21.97
CA ILE A 115 6.77 10.00 -23.07
C ILE A 115 5.32 9.63 -23.29
N PRO A 116 4.94 9.39 -24.55
CA PRO A 116 3.54 9.06 -24.85
C PRO A 116 3.24 7.58 -24.56
N PHE A 117 3.44 7.14 -23.33
CA PHE A 117 3.19 5.74 -22.99
C PHE A 117 1.69 5.47 -22.83
N LEU A 118 1.01 6.33 -22.08
CA LEU A 118 -0.43 6.20 -21.85
C LEU A 118 -1.19 7.27 -22.61
N SER A 119 -2.42 6.95 -22.99
CA SER A 119 -3.31 7.95 -23.56
C SER A 119 -3.60 9.02 -22.53
N PRO A 120 -3.89 10.24 -22.98
CA PRO A 120 -4.21 11.40 -22.15
C PRO A 120 -5.54 11.23 -21.43
N THR A 121 -6.40 10.38 -21.98
CA THR A 121 -7.69 10.12 -21.36
C THR A 121 -7.73 8.67 -20.92
N PHE A 122 -8.51 8.39 -19.90
CA PHE A 122 -8.59 7.03 -19.37
C PHE A 122 -9.12 6.07 -20.42
N ASN A 123 -8.34 5.05 -20.73
CA ASN A 123 -8.75 3.99 -21.64
C ASN A 123 -8.78 2.67 -20.90
N PRO A 124 -9.98 2.10 -20.73
CA PRO A 124 -10.15 0.84 -19.99
C PRO A 124 -9.24 -0.29 -20.46
N GLN A 125 -8.85 -0.30 -21.72
CA GLN A 125 -8.02 -1.39 -22.23
C GLN A 125 -6.52 -1.22 -21.91
N GLU A 126 -6.10 -0.01 -21.55
CA GLU A 126 -4.70 0.21 -21.19
C GLU A 126 -4.41 0.01 -19.71
N VAL A 127 -5.46 0.00 -18.89
CA VAL A 127 -5.28 0.09 -17.44
C VAL A 127 -6.04 -1.00 -16.71
N PHE A 128 -5.37 -1.70 -15.81
CA PHE A 128 -6.06 -2.59 -14.89
C PHE A 128 -5.98 -2.02 -13.48
N ILE A 129 -7.13 -1.96 -12.80
CA ILE A 129 -7.21 -1.32 -11.50
C ILE A 129 -7.72 -2.27 -10.45
N ARG A 130 -6.92 -2.46 -9.39
CA ARG A 130 -7.35 -3.30 -8.28
C ARG A 130 -7.11 -2.63 -6.92
N SER A 131 -8.07 -2.79 -6.02
CA SER A 131 -8.03 -2.18 -4.69
C SER A 131 -8.57 -3.17 -3.68
N THR A 132 -8.20 -3.00 -2.41
CA THR A 132 -8.87 -3.75 -1.36
C THR A 132 -10.24 -3.12 -1.16
N ASN A 133 -11.18 -3.84 -0.55
CA ASN A 133 -12.54 -3.31 -0.56
C ASN A 133 -12.73 -2.61 0.76
N ILE A 134 -12.37 -1.32 0.73
CA ILE A 134 -12.46 -0.43 1.87
C ILE A 134 -12.61 0.95 1.25
N PHE A 135 -13.48 1.79 1.81
CA PHE A 135 -13.83 3.02 1.14
C PHE A 135 -12.64 3.98 0.90
N ARG A 136 -11.76 4.14 1.89
CA ARG A 136 -10.61 5.02 1.70
C ARG A 136 -9.69 4.62 0.53
N ASN A 137 -9.57 3.31 0.26
CA ASN A 137 -8.74 2.87 -0.86
C ASN A 137 -9.41 3.08 -2.22
N LEU A 138 -10.73 2.87 -2.27
CA LEU A 138 -11.50 3.10 -3.49
C LEU A 138 -11.53 4.59 -3.84
N GLU A 139 -11.69 5.43 -2.82
CA GLU A 139 -11.70 6.87 -3.03
C GLU A 139 -10.32 7.42 -3.39
N SER A 140 -9.27 6.87 -2.79
CA SER A 140 -7.90 7.23 -3.15
C SER A 140 -7.64 6.87 -4.61
N THR A 141 -8.09 5.69 -5.01
CA THR A 141 -7.99 5.27 -6.40
C THR A 141 -8.66 6.28 -7.34
N ARG A 142 -9.87 6.70 -6.98
CA ARG A 142 -10.57 7.71 -7.76
C ARG A 142 -9.74 8.99 -7.90
N CYS A 143 -9.15 9.44 -6.79
CA CYS A 143 -8.38 10.68 -6.85
C CYS A 143 -7.10 10.55 -7.66
N LEU A 144 -6.45 9.39 -7.59
CA LEU A 144 -5.25 9.14 -8.37
C LEU A 144 -5.58 9.21 -9.86
N LEU A 145 -6.63 8.51 -10.25
CA LEU A 145 -7.07 8.49 -11.65
C LEU A 145 -7.47 9.89 -12.13
N ALA A 146 -8.20 10.63 -11.30
CA ALA A 146 -8.57 12.01 -11.61
C ALA A 146 -7.35 12.85 -11.95
N GLY A 147 -6.26 12.65 -11.22
CA GLY A 147 -5.04 13.40 -11.48
C GLY A 147 -4.31 12.90 -12.70
N LEU A 148 -4.24 11.58 -12.84
CA LEU A 148 -3.53 10.97 -13.95
C LEU A 148 -4.19 11.33 -15.29
N PHE A 149 -5.52 11.20 -15.34
CA PHE A 149 -6.28 11.43 -16.56
C PHE A 149 -7.03 12.76 -16.65
N GLN A 150 -6.86 13.60 -15.63
CA GLN A 150 -7.51 14.90 -15.59
C GLN A 150 -9.03 14.76 -15.76
N CYS A 151 -9.58 13.72 -15.14
CA CYS A 151 -11.02 13.45 -15.15
C CYS A 151 -11.60 13.23 -16.54
N GLN A 152 -10.78 12.75 -17.47
CA GLN A 152 -11.26 12.43 -18.81
C GLN A 152 -11.20 10.93 -19.02
N LYS A 153 -12.28 10.36 -19.55
CA LYS A 153 -12.31 8.94 -19.85
C LYS A 153 -12.99 8.60 -21.18
N GLU A 154 -12.47 7.57 -21.84
CA GLU A 154 -13.08 7.04 -23.06
C GLU A 154 -14.13 5.98 -22.75
N GLY A 155 -14.11 5.48 -21.51
CA GLY A 155 -15.01 4.42 -21.10
C GLY A 155 -15.07 4.31 -19.60
N PRO A 156 -16.06 3.57 -19.07
CA PRO A 156 -16.30 3.47 -17.62
C PRO A 156 -15.08 2.98 -16.85
N ILE A 157 -14.83 3.61 -15.71
CA ILE A 157 -13.78 3.17 -14.80
C ILE A 157 -14.31 2.02 -13.95
N ILE A 158 -13.65 0.87 -14.03
CA ILE A 158 -14.02 -0.27 -13.19
C ILE A 158 -12.90 -0.64 -12.22
N ILE A 159 -13.17 -0.55 -10.92
CA ILE A 159 -12.22 -0.99 -9.91
C ILE A 159 -12.57 -2.40 -9.45
N HIS A 160 -11.60 -3.31 -9.52
CA HIS A 160 -11.79 -4.66 -9.02
C HIS A 160 -11.34 -4.81 -7.56
N THR A 161 -12.18 -5.47 -6.76
CA THR A 161 -11.85 -5.76 -5.36
C THR A 161 -12.26 -7.18 -5.03
N ASP A 162 -11.63 -7.77 -4.01
CA ASP A 162 -11.88 -9.16 -3.70
C ASP A 162 -12.58 -9.30 -2.35
N GLU A 163 -13.23 -10.45 -2.18
CA GLU A 163 -13.82 -10.82 -0.90
C GLU A 163 -12.74 -10.73 0.16
N ALA A 164 -13.10 -10.28 1.36
CA ALA A 164 -12.10 -10.10 2.42
C ALA A 164 -11.37 -11.39 2.77
N ASP A 165 -12.06 -12.52 2.72
CA ASP A 165 -11.47 -13.79 3.10
C ASP A 165 -10.43 -14.34 2.11
N SER A 166 -10.50 -13.93 0.84
CA SER A 166 -9.49 -14.32 -0.13
C SER A 166 -8.45 -13.24 -0.47
N GLU A 167 -8.57 -12.07 0.14
CA GLU A 167 -7.76 -10.92 -0.24
C GLU A 167 -6.25 -11.16 -0.05
N VAL A 168 -5.48 -10.94 -1.10
CA VAL A 168 -4.01 -10.99 -1.01
C VAL A 168 -3.26 -9.64 -0.99
N LEU A 169 -3.99 -8.53 -1.02
CA LEU A 169 -3.33 -7.21 -1.08
C LEU A 169 -2.89 -6.73 0.30
N TYR A 170 -3.16 -7.53 1.33
CA TYR A 170 -2.52 -7.37 2.64
C TYR A 170 -2.23 -8.76 3.20
N PRO A 171 -1.33 -8.85 4.19
CA PRO A 171 -1.15 -10.18 4.79
C PRO A 171 -2.46 -10.63 5.42
N ASN A 172 -2.98 -11.79 5.03
CA ASN A 172 -4.32 -12.14 5.49
C ASN A 172 -4.28 -13.18 6.60
N TYR A 173 -4.44 -12.72 7.84
CA TYR A 173 -4.23 -13.59 8.99
C TYR A 173 -5.43 -14.49 9.22
N GLN A 174 -6.63 -13.95 9.01
CA GLN A 174 -7.82 -14.73 9.26
C GLN A 174 -7.96 -15.91 8.29
N SER A 175 -7.54 -15.70 7.05
CA SER A 175 -7.64 -16.77 6.06
C SER A 175 -6.45 -17.73 5.97
N CYS A 176 -5.29 -17.33 6.50
CA CYS A 176 -4.12 -18.19 6.35
C CYS A 176 -3.72 -18.74 7.72
N TRP A 177 -4.03 -20.01 7.93
CA TRP A 177 -3.89 -20.63 9.24
C TRP A 177 -2.42 -20.76 9.59
N SER A 178 -1.60 -21.13 8.61
CA SER A 178 -0.18 -21.30 8.84
C SER A 178 0.52 -19.99 9.25
N LEU A 179 0.12 -18.89 8.63
CA LEU A 179 0.72 -17.59 8.95
C LEU A 179 0.34 -17.18 10.37
N ARG A 180 -0.94 -17.31 10.69
CA ARG A 180 -1.44 -17.02 12.03
C ARG A 180 -0.66 -17.81 13.09
N GLN A 181 -0.43 -19.09 12.84
CA GLN A 181 0.27 -19.96 13.78
C GLN A 181 1.74 -19.59 13.98
N ARG A 182 2.44 -19.22 12.91
CA ARG A 182 3.85 -18.90 13.01
C ARG A 182 4.08 -17.61 13.79
N THR A 183 3.16 -16.66 13.67
CA THR A 183 3.32 -15.34 14.26
C THR A 183 2.60 -15.11 15.60
N ARG A 184 1.82 -16.07 16.04
CA ARG A 184 0.93 -15.83 17.18
C ARG A 184 1.69 -15.53 18.48
N GLY A 185 2.78 -16.25 18.72
CA GLY A 185 3.57 -16.05 19.91
C GLY A 185 4.23 -14.69 19.95
N ARG A 186 4.87 -14.32 18.85
CA ARG A 186 5.54 -13.03 18.78
C ARG A 186 4.52 -11.89 18.81
N ARG A 187 3.35 -12.11 18.24
CA ARG A 187 2.30 -11.10 18.27
C ARG A 187 1.80 -10.86 19.70
N GLN A 188 1.78 -11.92 20.49
CA GLN A 188 1.32 -11.82 21.87
C GLN A 188 2.27 -10.95 22.68
N THR A 189 3.57 -11.17 22.48
CA THR A 189 4.59 -10.55 23.32
C THR A 189 5.25 -9.31 22.73
N ALA A 190 4.88 -8.93 21.52
CA ALA A 190 5.57 -7.85 20.81
C ALA A 190 5.77 -6.58 21.65
N SER A 191 4.71 -6.09 22.27
CA SER A 191 4.83 -4.86 23.06
C SER A 191 5.54 -5.07 24.40
N LEU A 192 5.79 -6.33 24.76
CA LEU A 192 6.51 -6.64 25.99
C LEU A 192 8.01 -6.81 25.76
N GLN A 193 8.46 -6.67 24.51
CA GLN A 193 9.87 -6.86 24.18
C GLN A 193 10.76 -5.78 24.78
N PRO A 194 12.04 -6.10 24.99
CA PRO A 194 13.02 -5.16 25.51
C PRO A 194 13.11 -3.88 24.66
N GLY A 195 13.02 -2.75 25.33
CA GLY A 195 13.23 -1.44 24.75
C GLY A 195 11.96 -0.89 24.13
N ILE A 196 11.11 -1.78 23.62
CA ILE A 196 9.81 -1.39 23.10
C ILE A 196 8.93 -1.08 24.32
N SER A 197 8.94 -2.00 25.29
CA SER A 197 8.12 -1.88 26.48
C SER A 197 8.48 -0.68 27.35
N GLU A 198 9.77 -0.39 27.48
CA GLU A 198 10.20 0.74 28.29
C GLU A 198 9.85 2.08 27.63
N ASP A 199 9.96 2.12 26.31
CA ASP A 199 9.60 3.32 25.59
C ASP A 199 8.10 3.54 25.66
N LEU A 200 7.34 2.45 25.49
CA LEU A 200 5.89 2.53 25.57
C LEU A 200 5.41 3.02 26.94
N LYS A 201 6.03 2.49 27.99
CA LYS A 201 5.69 2.90 29.36
C LYS A 201 5.98 4.38 29.54
N LYS A 202 7.10 4.82 28.99
CA LYS A 202 7.54 6.21 29.08
C LYS A 202 6.61 7.17 28.35
N VAL A 203 6.22 6.84 27.12
CA VAL A 203 5.33 7.71 26.38
C VAL A 203 3.96 7.76 27.03
N LYS A 204 3.48 6.62 27.53
CA LYS A 204 2.18 6.60 28.21
C LYS A 204 2.19 7.42 29.50
N ASP A 205 3.28 7.31 30.27
CA ASP A 205 3.42 8.10 31.50
C ASP A 205 3.36 9.59 31.21
N ARG A 206 4.20 10.03 30.27
CA ARG A 206 4.30 11.44 29.96
C ARG A 206 2.99 11.99 29.39
N MET A 207 2.25 11.17 28.65
CA MET A 207 1.00 11.63 28.05
C MET A 207 -0.16 11.57 29.04
N GLY A 208 0.10 10.99 30.21
CA GLY A 208 -0.93 10.85 31.23
C GLY A 208 -2.01 9.87 30.80
N ILE A 209 -1.64 8.86 30.01
CA ILE A 209 -2.56 7.79 29.62
C ILE A 209 -2.60 6.75 30.73
N ASP A 210 -3.81 6.31 31.08
CA ASP A 210 -3.98 5.35 32.17
C ASP A 210 -3.20 4.06 31.92
N SER A 211 -2.52 3.58 32.95
CA SER A 211 -1.73 2.35 32.86
C SER A 211 -2.59 1.17 32.39
N SER A 212 -3.87 1.19 32.72
CA SER A 212 -4.76 0.08 32.35
C SER A 212 -5.19 0.09 30.88
N ASP A 213 -5.24 1.27 30.27
CA ASP A 213 -5.70 1.37 28.89
C ASP A 213 -4.81 0.57 27.95
N LYS A 214 -5.43 -0.14 27.00
CA LYS A 214 -4.64 -0.96 26.08
C LYS A 214 -4.27 -0.05 24.91
N VAL A 215 -2.99 0.29 24.87
CA VAL A 215 -2.46 1.16 23.82
C VAL A 215 -1.08 0.66 23.44
N ASP A 216 -0.83 0.53 22.14
CA ASP A 216 0.47 0.10 21.64
C ASP A 216 0.99 1.17 20.71
N PHE A 217 2.16 0.95 20.12
CA PHE A 217 2.74 1.95 19.24
C PHE A 217 1.98 2.12 17.92
N PHE A 218 1.24 1.10 17.51
CA PHE A 218 0.44 1.22 16.29
C PHE A 218 -0.64 2.29 16.45
N ILE A 219 -1.32 2.27 17.59
CA ILE A 219 -2.37 3.24 17.90
C ILE A 219 -1.82 4.66 18.08
N LEU A 220 -0.68 4.78 18.75
CA LEU A 220 -0.03 6.08 18.91
C LEU A 220 0.40 6.65 17.57
N LEU A 221 0.98 5.81 16.73
CA LEU A 221 1.47 6.25 15.42
C LEU A 221 0.30 6.66 14.55
N ASP A 222 -0.74 5.82 14.55
CA ASP A 222 -1.95 6.11 13.79
C ASP A 222 -2.43 7.54 14.06
N ASN A 223 -2.53 7.90 15.34
CA ASN A 223 -3.04 9.21 15.72
C ASN A 223 -2.09 10.36 15.44
N VAL A 224 -0.81 10.18 15.74
CA VAL A 224 0.14 11.26 15.49
C VAL A 224 0.30 11.54 13.99
N ALA A 225 0.37 10.49 13.17
CA ALA A 225 0.44 10.68 11.72
C ALA A 225 -0.84 11.36 11.17
N ALA A 226 -2.01 10.90 11.58
CA ALA A 226 -3.26 11.50 11.13
C ALA A 226 -3.40 12.96 11.58
N GLU A 227 -3.11 13.22 12.86
CA GLU A 227 -3.20 14.58 13.39
C GLU A 227 -2.20 15.51 12.73
N GLN A 228 -0.97 15.03 12.57
CA GLN A 228 0.10 15.84 11.96
C GLN A 228 -0.23 16.21 10.51
N ALA A 229 -0.81 15.26 9.76
CA ALA A 229 -1.10 15.48 8.35
C ALA A 229 -2.19 16.55 8.18
N HIS A 230 -3.06 16.69 9.17
CA HIS A 230 -4.13 17.68 9.13
C HIS A 230 -3.82 18.95 9.94
N ASN A 231 -2.63 19.02 10.51
CA ASN A 231 -2.22 20.13 11.38
C ASN A 231 -3.16 20.37 12.56
N LEU A 232 -3.64 19.30 13.16
CA LEU A 232 -4.52 19.42 14.31
C LEU A 232 -3.70 19.70 15.58
N PRO A 233 -4.32 20.32 16.59
CA PRO A 233 -3.59 20.74 17.80
C PRO A 233 -3.24 19.56 18.71
N SER A 234 -2.25 18.77 18.32
CA SER A 234 -1.86 17.56 19.04
C SER A 234 -1.38 17.85 20.47
N CYS A 235 -1.53 16.85 21.32
CA CYS A 235 -0.89 16.85 22.64
C CYS A 235 0.62 17.09 22.48
N PRO A 236 1.17 18.04 23.23
CA PRO A 236 2.60 18.38 23.11
C PRO A 236 3.52 17.18 23.33
N MET A 237 3.11 16.23 24.16
CA MET A 237 3.93 15.06 24.42
C MET A 237 3.88 14.08 23.25
N LEU A 238 2.76 14.06 22.54
CA LEU A 238 2.64 13.20 21.38
C LEU A 238 3.61 13.69 20.30
N LYS A 239 3.73 15.00 20.16
CA LYS A 239 4.67 15.59 19.19
C LYS A 239 6.12 15.33 19.58
N ARG A 240 6.45 15.54 20.85
CA ARG A 240 7.79 15.29 21.36
C ARG A 240 8.29 13.89 21.01
N PHE A 241 7.41 12.90 21.11
CA PHE A 241 7.78 11.50 20.86
C PHE A 241 7.42 10.94 19.48
N ALA A 242 6.93 11.78 18.58
CA ALA A 242 6.51 11.33 17.23
C ALA A 242 7.53 10.40 16.55
N ARG A 243 8.81 10.77 16.55
CA ARG A 243 9.84 9.99 15.83
C ARG A 243 10.08 8.63 16.49
N MET A 244 10.24 8.65 17.81
CA MET A 244 10.37 7.42 18.59
C MET A 244 9.15 6.51 18.44
N ILE A 245 7.96 7.10 18.48
CA ILE A 245 6.74 6.35 18.26
C ILE A 245 6.78 5.64 16.89
N GLU A 246 7.15 6.37 15.86
CA GLU A 246 7.26 5.77 14.53
C GLU A 246 8.29 4.63 14.53
N GLN A 247 9.46 4.89 15.09
CA GLN A 247 10.50 3.88 15.16
C GLN A 247 10.03 2.61 15.87
N ARG A 248 9.31 2.80 16.97
CA ARG A 248 8.86 1.65 17.78
C ARG A 248 7.67 0.91 17.17
N ALA A 249 6.85 1.62 16.40
CA ALA A 249 5.80 0.94 15.67
C ALA A 249 6.46 0.01 14.63
N VAL A 250 7.51 0.50 14.00
CA VAL A 250 8.26 -0.30 13.04
C VAL A 250 8.93 -1.50 13.72
N ASP A 251 9.54 -1.26 14.89
CA ASP A 251 10.18 -2.35 15.64
C ASP A 251 9.16 -3.42 16.02
N THR A 252 7.97 -2.98 16.43
CA THR A 252 6.94 -3.94 16.83
C THR A 252 6.58 -4.84 15.64
N SER A 253 6.39 -4.21 14.49
CA SER A 253 5.99 -4.89 13.26
C SER A 253 7.05 -5.91 12.82
N LEU A 254 8.30 -5.48 12.86
CA LEU A 254 9.43 -6.31 12.50
C LEU A 254 9.69 -7.44 13.50
N TYR A 255 9.40 -7.22 14.78
CA TYR A 255 9.57 -8.31 15.73
C TYR A 255 8.59 -9.42 15.37
N ILE A 256 7.38 -9.03 15.00
CA ILE A 256 6.34 -10.00 14.67
C ILE A 256 6.63 -10.72 13.35
N LEU A 257 7.14 -9.96 12.38
CA LEU A 257 7.37 -10.50 11.04
C LEU A 257 8.75 -10.05 10.54
N PRO A 258 9.82 -10.66 11.06
CA PRO A 258 11.22 -10.26 10.86
C PRO A 258 11.79 -10.70 9.51
N LYS A 259 12.87 -10.05 9.07
CA LYS A 259 13.42 -10.32 7.74
C LYS A 259 13.98 -11.74 7.63
N GLU A 260 14.30 -12.35 8.77
CA GLU A 260 14.94 -13.66 8.77
C GLU A 260 13.94 -14.81 8.70
N ASP A 261 12.65 -14.51 8.83
CA ASP A 261 11.66 -15.58 8.79
C ASP A 261 11.11 -15.59 7.38
N ARG A 262 11.62 -16.51 6.57
CA ARG A 262 11.35 -16.47 5.14
C ARG A 262 9.93 -16.94 4.87
N GLU A 263 9.53 -18.00 5.55
CA GLU A 263 8.22 -18.61 5.28
C GLU A 263 7.06 -17.70 5.68
N SER A 264 7.23 -16.94 6.76
CA SER A 264 6.19 -15.99 7.14
C SER A 264 6.10 -14.88 6.13
N LEU A 265 7.26 -14.42 5.64
CA LEU A 265 7.27 -13.40 4.59
C LEU A 265 6.60 -13.90 3.31
N GLN A 266 6.83 -15.18 2.99
CA GLN A 266 6.20 -15.79 1.81
C GLN A 266 4.69 -15.80 1.90
N MET A 267 4.18 -16.17 3.07
CA MET A 267 2.73 -16.24 3.26
C MET A 267 2.13 -14.85 3.41
N ALA A 268 2.89 -13.93 3.99
CA ALA A 268 2.42 -12.57 4.16
C ALA A 268 2.29 -11.80 2.83
N VAL A 269 3.40 -11.68 2.10
CA VAL A 269 3.40 -11.02 0.78
C VAL A 269 3.62 -11.83 -0.51
N GLY A 270 3.90 -13.12 -0.40
CA GLY A 270 4.26 -13.94 -1.55
C GLY A 270 3.25 -14.00 -2.69
N PRO A 271 1.96 -14.14 -2.35
CA PRO A 271 0.91 -14.14 -3.37
C PRO A 271 0.81 -12.80 -4.09
N PHE A 272 1.05 -11.69 -3.40
CA PHE A 272 0.98 -10.40 -4.07
C PHE A 272 2.19 -10.25 -5.02
N LEU A 273 3.36 -10.68 -4.56
CA LEU A 273 4.56 -10.70 -5.38
C LEU A 273 4.37 -11.57 -6.61
N HIS A 274 3.67 -12.69 -6.44
CA HIS A 274 3.37 -13.57 -7.55
C HIS A 274 2.56 -12.83 -8.61
N ILE A 275 1.59 -12.04 -8.18
CA ILE A 275 0.84 -11.20 -9.10
C ILE A 275 1.75 -10.22 -9.86
N LEU A 276 2.65 -9.54 -9.15
CA LEU A 276 3.51 -8.55 -9.80
C LEU A 276 4.46 -9.22 -10.78
N GLU A 277 4.98 -10.37 -10.38
CA GLU A 277 5.85 -11.18 -11.22
C GLU A 277 5.11 -11.62 -12.48
N SER A 278 3.87 -12.10 -12.30
CA SER A 278 3.08 -12.58 -13.42
C SER A 278 2.88 -11.48 -14.46
N ASN A 279 2.73 -10.25 -14.00
CA ASN A 279 2.56 -9.13 -14.91
C ASN A 279 3.82 -8.94 -15.76
N LEU A 280 4.98 -9.00 -15.12
CA LEU A 280 6.26 -8.89 -15.83
C LEU A 280 6.40 -10.01 -16.87
N LEU A 281 6.01 -11.21 -16.47
CA LEU A 281 6.17 -12.38 -17.34
C LEU A 281 5.30 -12.28 -18.59
N LYS A 282 4.13 -11.64 -18.48
CA LYS A 282 3.28 -11.47 -19.66
C LYS A 282 4.04 -10.81 -20.82
N ALA A 283 5.12 -10.09 -20.50
CA ALA A 283 5.96 -9.47 -21.52
C ALA A 283 6.83 -10.48 -22.28
N MET A 284 7.08 -11.64 -21.67
CA MET A 284 7.89 -12.68 -22.30
C MET A 284 7.12 -13.37 -23.42
N ASP A 285 5.80 -13.35 -23.34
CA ASP A 285 5.00 -13.92 -24.41
C ASP A 285 4.49 -12.78 -25.26
N SER A 286 5.08 -12.66 -26.46
CA SER A 286 4.82 -11.54 -27.33
C SER A 286 3.48 -11.63 -28.04
N ALA A 287 3.23 -12.79 -28.65
CA ALA A 287 2.02 -12.99 -29.43
C ALA A 287 0.80 -13.30 -28.56
N THR A 288 1.01 -14.07 -27.49
CA THR A 288 -0.09 -14.53 -26.66
C THR A 288 -0.86 -13.42 -25.97
N ALA A 289 -2.18 -13.46 -26.12
CA ALA A 289 -3.12 -12.58 -25.42
C ALA A 289 -2.64 -11.15 -25.24
N PRO A 290 -2.39 -10.44 -26.36
CA PRO A 290 -2.13 -8.99 -26.28
C PRO A 290 -3.38 -8.27 -25.78
N ASP A 291 -4.50 -8.97 -25.85
CA ASP A 291 -5.78 -8.46 -25.36
C ASP A 291 -5.76 -8.38 -23.83
N LYS A 292 -5.21 -9.41 -23.20
CA LYS A 292 -5.17 -9.50 -21.75
C LYS A 292 -4.14 -8.55 -21.12
N ILE A 293 -3.04 -8.30 -21.83
CA ILE A 293 -1.99 -7.43 -21.31
C ILE A 293 -2.44 -5.97 -21.25
N ARG A 294 -1.95 -5.26 -20.23
CA ARG A 294 -2.26 -3.86 -20.05
C ARG A 294 -0.96 -3.08 -20.03
N LYS A 295 -1.03 -1.77 -20.23
CA LYS A 295 0.13 -0.92 -20.04
C LYS A 295 0.38 -0.53 -18.58
N LEU A 296 -0.69 -0.35 -17.82
CA LEU A 296 -0.56 0.12 -16.45
C LEU A 296 -1.40 -0.75 -15.50
N TYR A 297 -0.77 -1.21 -14.42
CA TYR A 297 -1.48 -1.91 -13.36
C TYR A 297 -1.43 -1.07 -12.10
N LEU A 298 -2.59 -0.87 -11.48
CA LEU A 298 -2.70 -0.07 -10.27
C LEU A 298 -3.21 -0.95 -9.15
N TYR A 299 -2.52 -0.95 -8.02
CA TYR A 299 -2.98 -1.69 -6.85
C TYR A 299 -3.02 -0.79 -5.63
N ALA A 300 -4.21 -0.66 -5.04
CA ALA A 300 -4.35 0.11 -3.82
C ALA A 300 -4.18 -0.88 -2.67
N ALA A 301 -3.08 -0.74 -1.94
CA ALA A 301 -2.69 -1.71 -0.92
C ALA A 301 -2.51 -0.99 0.43
N HIS A 302 -1.97 -1.68 1.41
CA HIS A 302 -1.90 -1.10 2.74
C HIS A 302 -0.49 -0.95 3.29
N ASP A 303 -0.32 -0.05 4.26
CA ASP A 303 0.95 0.08 4.96
C ASP A 303 1.45 -1.28 5.47
N VAL A 304 0.55 -2.11 6.02
CA VAL A 304 0.94 -3.45 6.45
C VAL A 304 1.36 -4.36 5.27
N THR A 305 0.97 -3.98 4.05
CA THR A 305 1.49 -4.66 2.88
C THR A 305 2.90 -4.14 2.54
N PHE A 306 3.06 -2.82 2.58
CA PHE A 306 4.32 -2.21 2.16
C PHE A 306 5.52 -2.67 2.96
N ILE A 307 5.37 -2.79 4.28
CA ILE A 307 6.51 -3.13 5.11
C ILE A 307 7.19 -4.46 4.72
N PRO A 308 6.44 -5.57 4.72
CA PRO A 308 7.04 -6.82 4.22
C PRO A 308 7.40 -6.77 2.74
N LEU A 309 6.57 -6.12 1.93
CA LEU A 309 6.87 -6.01 0.51
C LEU A 309 8.24 -5.35 0.31
N LEU A 310 8.46 -4.22 0.96
CA LEU A 310 9.73 -3.51 0.85
C LEU A 310 10.90 -4.34 1.36
N MET A 311 10.66 -5.09 2.43
CA MET A 311 11.71 -5.94 3.00
C MET A 311 12.11 -7.05 2.03
N THR A 312 11.13 -7.66 1.36
CA THR A 312 11.45 -8.76 0.45
C THR A 312 12.21 -8.27 -0.77
N LEU A 313 12.04 -7.00 -1.12
CA LEU A 313 12.79 -6.40 -2.22
C LEU A 313 14.13 -5.82 -1.75
N GLY A 314 14.38 -5.86 -0.43
CA GLY A 314 15.61 -5.38 0.14
C GLY A 314 15.75 -3.87 0.15
N ILE A 315 14.65 -3.18 -0.08
CA ILE A 315 14.62 -1.72 -0.06
C ILE A 315 14.04 -1.03 1.20
N PHE A 316 13.71 -1.77 2.25
CA PHE A 316 13.06 -1.17 3.43
C PHE A 316 13.94 -0.14 4.16
N ASP A 317 13.39 1.05 4.40
CA ASP A 317 14.10 2.16 5.04
C ASP A 317 13.85 2.32 6.55
N HIS A 318 13.08 1.41 7.13
CA HIS A 318 12.77 1.44 8.56
C HIS A 318 11.93 2.65 8.96
N LYS A 319 11.13 3.14 8.02
CA LYS A 319 10.15 4.20 8.28
C LYS A 319 8.76 3.63 8.01
N TRP A 320 7.76 4.13 8.72
CA TRP A 320 6.39 3.69 8.43
C TRP A 320 5.95 4.20 7.04
N PRO A 321 5.39 3.32 6.19
CA PRO A 321 5.09 3.81 4.84
C PRO A 321 4.04 4.92 4.88
N PRO A 322 4.39 6.11 4.39
CA PRO A 322 3.55 7.28 4.67
C PRO A 322 2.28 7.31 3.81
N PHE A 323 1.32 8.18 4.19
CA PHE A 323 0.12 8.39 3.38
C PHE A 323 0.48 8.67 1.92
N ALA A 324 -0.26 8.04 1.02
CA ALA A 324 -0.11 8.28 -0.42
C ALA A 324 1.23 7.86 -0.96
N VAL A 325 1.94 6.97 -0.25
CA VAL A 325 3.22 6.53 -0.77
C VAL A 325 2.98 5.56 -1.92
N ASP A 326 3.92 5.51 -2.86
CA ASP A 326 3.81 4.58 -3.95
C ASP A 326 5.08 3.81 -4.18
N LEU A 327 4.93 2.58 -4.65
CA LEU A 327 6.04 1.80 -5.16
C LEU A 327 5.78 1.58 -6.66
N THR A 328 6.69 2.08 -7.50
CA THR A 328 6.52 2.01 -8.94
C THR A 328 7.55 1.11 -9.60
N MET A 329 7.06 0.21 -10.45
CA MET A 329 7.89 -0.74 -11.19
C MET A 329 7.78 -0.43 -12.68
N GLU A 330 8.90 -0.09 -13.32
CA GLU A 330 8.91 0.11 -14.78
C GLU A 330 9.64 -1.04 -15.46
N LEU A 331 9.06 -1.55 -16.54
CA LEU A 331 9.70 -2.59 -17.33
C LEU A 331 10.07 -2.02 -18.70
N TYR A 332 11.35 -2.15 -19.07
CA TYR A 332 11.88 -1.69 -20.35
C TYR A 332 12.44 -2.85 -21.18
N GLN A 333 12.41 -2.70 -22.50
CA GLN A 333 13.21 -3.53 -23.39
C GLN A 333 14.18 -2.65 -24.17
N HIS A 334 15.45 -3.03 -24.17
CA HIS A 334 16.45 -2.37 -25.00
C HIS A 334 16.10 -2.63 -26.46
N LEU A 335 16.11 -1.59 -27.27
CA LEU A 335 15.69 -1.71 -28.67
C LEU A 335 16.72 -2.43 -29.56
N GLU A 336 18.00 -2.21 -29.28
CA GLU A 336 19.04 -2.93 -30.01
C GLU A 336 19.31 -4.34 -29.48
N SER A 337 19.52 -4.46 -28.16
CA SER A 337 19.92 -5.72 -27.55
C SER A 337 18.76 -6.68 -27.32
N LYS A 338 17.56 -6.14 -27.12
CA LYS A 338 16.39 -6.96 -26.83
C LYS A 338 16.38 -7.44 -25.38
N GLU A 339 17.41 -7.06 -24.61
CA GLU A 339 17.43 -7.32 -23.17
C GLU A 339 16.31 -6.57 -22.43
N TRP A 340 15.86 -7.15 -21.33
CA TRP A 340 14.81 -6.56 -20.51
C TRP A 340 15.36 -6.03 -19.20
N PHE A 341 14.85 -4.89 -18.76
CA PHE A 341 15.31 -4.23 -17.55
C PHE A 341 14.13 -3.75 -16.72
N VAL A 342 14.28 -3.83 -15.40
CA VAL A 342 13.32 -3.32 -14.44
C VAL A 342 13.89 -2.16 -13.63
N GLN A 343 13.10 -1.10 -13.47
CA GLN A 343 13.48 0.01 -12.59
C GLN A 343 12.43 0.19 -11.48
N LEU A 344 12.90 0.27 -10.24
CA LEU A 344 12.01 0.40 -9.09
C LEU A 344 12.14 1.77 -8.45
N TYR A 345 11.01 2.40 -8.13
CA TYR A 345 11.00 3.67 -7.41
C TYR A 345 10.11 3.56 -6.19
N TYR A 346 10.51 4.22 -5.11
CA TYR A 346 9.71 4.25 -3.90
C TYR A 346 9.58 5.68 -3.42
N HIS A 347 8.35 6.15 -3.31
CA HIS A 347 8.09 7.51 -2.88
C HIS A 347 8.85 8.49 -3.78
N GLY A 348 8.84 8.22 -5.08
CA GLY A 348 9.51 9.06 -6.05
C GLY A 348 11.00 8.81 -6.17
N LYS A 349 11.58 8.05 -5.23
CA LYS A 349 13.03 7.82 -5.20
C LYS A 349 13.49 6.53 -5.88
N GLU A 350 14.44 6.65 -6.79
CA GLU A 350 15.04 5.48 -7.43
C GLU A 350 15.65 4.56 -6.39
N GLN A 351 15.43 3.26 -6.56
CA GLN A 351 15.87 2.25 -5.58
C GLN A 351 16.79 1.25 -6.24
N VAL A 352 17.63 0.61 -5.44
CA VAL A 352 18.39 -0.56 -5.89
C VAL A 352 18.02 -1.79 -5.07
N PRO A 353 17.25 -2.71 -5.66
CA PRO A 353 16.76 -3.86 -4.89
C PRO A 353 17.85 -4.91 -4.65
N ARG A 354 17.63 -5.74 -3.64
CA ARG A 354 18.55 -6.83 -3.31
C ARG A 354 18.82 -7.73 -4.53
N GLY A 355 20.08 -8.07 -4.76
CA GLY A 355 20.45 -8.95 -5.85
C GLY A 355 20.51 -8.27 -7.20
N CYS A 356 20.35 -6.95 -7.19
CA CYS A 356 20.49 -6.12 -8.38
C CYS A 356 21.76 -5.29 -8.31
N PRO A 357 22.58 -5.35 -9.37
CA PRO A 357 23.84 -4.60 -9.40
C PRO A 357 23.61 -3.10 -9.44
N ASP A 358 22.55 -2.70 -10.13
CA ASP A 358 22.33 -1.30 -10.43
C ASP A 358 20.85 -0.93 -10.31
N GLY A 359 20.57 0.37 -10.31
CA GLY A 359 19.21 0.85 -10.33
C GLY A 359 18.46 0.30 -11.53
N LEU A 360 19.13 0.20 -12.67
CA LEU A 360 18.52 -0.44 -13.83
C LEU A 360 18.91 -1.90 -13.77
N CYS A 361 17.94 -2.76 -13.44
CA CYS A 361 18.22 -4.14 -13.12
C CYS A 361 17.78 -5.09 -14.22
N PRO A 362 18.70 -5.92 -14.71
CA PRO A 362 18.29 -6.87 -15.75
C PRO A 362 17.16 -7.76 -15.25
N LEU A 363 16.14 -7.93 -16.08
CA LEU A 363 14.92 -8.62 -15.68
C LEU A 363 15.22 -9.95 -15.01
N ASP A 364 16.14 -10.73 -15.58
CA ASP A 364 16.42 -12.06 -15.06
C ASP A 364 16.94 -12.03 -13.61
N MET A 365 17.83 -11.09 -13.31
CA MET A 365 18.33 -10.95 -11.95
C MET A 365 17.24 -10.51 -10.96
N PHE A 366 16.38 -9.60 -11.42
CA PHE A 366 15.27 -9.12 -10.60
C PHE A 366 14.30 -10.25 -10.28
N LEU A 367 13.95 -11.06 -11.28
CA LEU A 367 13.03 -12.17 -11.09
C LEU A 367 13.61 -13.20 -10.14
N ASN A 368 14.93 -13.42 -10.23
CA ASN A 368 15.58 -14.38 -9.34
C ASN A 368 15.45 -13.92 -7.89
N ALA A 369 15.70 -12.64 -7.66
CA ALA A 369 15.56 -12.05 -6.33
C ALA A 369 14.15 -12.20 -5.75
N MET A 370 13.14 -11.85 -6.54
CA MET A 370 11.75 -11.94 -6.09
C MET A 370 11.34 -13.38 -5.78
N SER A 371 11.90 -14.33 -6.55
CA SER A 371 11.48 -15.73 -6.48
C SER A 371 11.74 -16.35 -5.11
N VAL A 372 12.62 -15.73 -4.34
CA VAL A 372 12.87 -16.14 -2.97
C VAL A 372 11.60 -16.03 -2.12
N TYR A 373 10.84 -14.98 -2.35
CA TYR A 373 9.62 -14.75 -1.60
C TYR A 373 8.26 -15.02 -2.26
N THR A 374 8.28 -15.30 -3.56
CA THR A 374 7.06 -15.48 -4.33
C THR A 374 6.32 -16.75 -3.91
N LEU A 375 4.99 -16.69 -3.90
CA LEU A 375 4.18 -17.85 -3.52
C LEU A 375 3.07 -18.05 -4.53
N SER A 376 3.10 -19.16 -5.26
CA SER A 376 2.05 -19.49 -6.21
C SER A 376 0.74 -19.72 -5.46
N PRO A 377 -0.40 -19.54 -6.13
CA PRO A 377 -1.72 -19.68 -5.51
C PRO A 377 -1.95 -21.09 -4.93
N GLU A 378 -1.52 -22.12 -5.66
CA GLU A 378 -1.69 -23.49 -5.19
C GLU A 378 -0.93 -23.74 -3.89
N LYS A 379 0.35 -23.36 -3.84
CA LYS A 379 1.11 -23.48 -2.60
C LYS A 379 0.47 -22.68 -1.46
N TYR A 380 0.13 -21.44 -1.73
CA TYR A 380 -0.49 -20.58 -0.73
C TYR A 380 -1.76 -21.23 -0.18
N HIS A 381 -2.56 -21.80 -1.09
CA HIS A 381 -3.82 -22.42 -0.69
C HIS A 381 -3.61 -23.55 0.31
N ALA A 382 -2.58 -24.37 0.06
CA ALA A 382 -2.27 -25.49 0.92
C ALA A 382 -2.00 -25.06 2.35
N LEU A 383 -1.32 -23.94 2.50
CA LEU A 383 -0.92 -23.45 3.82
C LEU A 383 -2.03 -22.73 4.59
N CYS A 384 -2.97 -22.15 3.86
CA CYS A 384 -4.09 -21.45 4.48
C CYS A 384 -4.97 -22.38 5.34
N SER A 385 -4.75 -23.69 5.22
CA SER A 385 -5.54 -24.67 5.96
C SER A 385 -4.67 -25.61 6.81
N GLN A 386 -5.19 -25.97 7.98
CA GLN A 386 -4.48 -26.92 8.85
C GLN A 386 -4.66 -28.34 8.33
N THR A 387 -5.86 -28.65 7.84
CA THR A 387 -6.15 -29.99 7.34
C THR A 387 -5.92 -30.09 5.83
C TRS B . -4.26 0.85 6.52
C1 TRS B . -4.54 2.32 6.80
C2 TRS B . -3.03 0.68 5.64
C3 TRS B . -5.48 0.20 5.88
N TRS B . -4.02 0.14 7.78
O1 TRS B . -3.45 2.90 7.48
O2 TRS B . -2.89 1.71 4.68
O3 TRS B . -5.80 0.78 4.63
#